data_3FNA
#
_entry.id   3FNA
#
_cell.length_a   50.109
_cell.length_b   108.458
_cell.length_c   104.849
_cell.angle_alpha   90.000
_cell.angle_beta   90.000
_cell.angle_gamma   90.000
#
_symmetry.space_group_name_H-M   'C 2 2 21'
#
loop_
_entity.id
_entity.type
_entity.pdbx_description
1 polymer 'Possible arabinose 5-phosphate isomerase'
2 non-polymer 'ADENOSINE MONOPHOSPHATE'
3 water water
#
_entity_poly.entity_id   1
_entity_poly.type   'polypeptide(L)'
_entity_poly.pdbx_seq_one_letter_code
;SNAKARGFTAEDFALSHPGGALGRKLLLRVNDI(MSE)HTGDEIPHVKKTASLRDALLEVTRKNLG(MSE)TVICDDN
(MSE)(MSE)IEGIFTDGDLRRVFD(MSE)GVDVRRLSIADV(MSE)TPGGIRVRPGILAVEALNL(MSE)QSRHITSV
(MSE)VADGDHLLGVLH(MSE)HDLLRA
;
_entity_poly.pdbx_strand_id   A,B
#
loop_
_chem_comp.id
_chem_comp.type
_chem_comp.name
_chem_comp.formula
AMP non-polymer 'ADENOSINE MONOPHOSPHATE' 'C10 H14 N5 O7 P'
#
# COMPACT_ATOMS: atom_id res chain seq x y z
N LEU A 22 27.80 0.40 11.14
CA LEU A 22 26.33 0.17 11.07
C LEU A 22 25.57 1.50 11.14
N GLY A 23 26.02 2.39 12.04
CA GLY A 23 25.52 3.76 12.09
C GLY A 23 25.65 4.40 10.72
N ARG A 24 26.85 4.28 10.15
CA ARG A 24 27.07 4.55 8.72
C ARG A 24 26.08 3.74 7.86
N LYS A 25 25.91 2.44 8.14
CA LYS A 25 24.96 1.59 7.39
C LYS A 25 23.54 2.19 7.38
N LEU A 26 23.10 2.72 8.52
CA LEU A 26 21.74 3.25 8.66
C LEU A 26 21.49 4.51 7.82
N LEU A 27 22.58 5.20 7.48
CA LEU A 27 22.51 6.36 6.60
C LEU A 27 22.73 6.05 5.12
N LEU A 28 22.91 4.77 4.75
CA LEU A 28 22.89 4.41 3.33
C LEU A 28 21.52 4.63 2.75
N ARG A 29 21.46 4.88 1.44
CA ARG A 29 20.19 5.02 0.74
C ARG A 29 19.71 3.61 0.33
N VAL A 30 18.41 3.43 0.38
CA VAL A 30 17.77 2.16 0.00
C VAL A 30 18.14 1.74 -1.43
N ASN A 31 18.29 2.73 -2.30
CA ASN A 31 18.76 2.52 -3.65
C ASN A 31 19.95 1.60 -3.73
N ASP A 32 20.89 1.75 -2.79
CA ASP A 32 22.15 1.04 -2.76
C ASP A 32 22.13 -0.29 -2.00
N ILE A 33 21.03 -0.60 -1.32
N ILE A 33 21.03 -0.54 -1.29
CA ILE A 33 20.92 -1.84 -0.56
CA ILE A 33 20.80 -1.73 -0.48
C ILE A 33 19.76 -2.74 -1.01
C ILE A 33 19.88 -2.74 -1.14
N MSE A 34 18.90 -2.23 -1.90
CA MSE A 34 17.74 -3.03 -2.37
C MSE A 34 18.15 -4.14 -3.37
O MSE A 34 19.16 -4.03 -4.03
CB MSE A 34 16.72 -2.12 -3.04
CG MSE A 34 17.26 -1.45 -4.28
SE MSE A 34 16.04 -0.22 -5.01
CE MSE A 34 16.98 0.29 -6.59
N HIS A 35 17.36 -5.19 -3.45
CA HIS A 35 17.56 -6.20 -4.48
C HIS A 35 16.97 -5.64 -5.76
N THR A 36 17.71 -5.80 -6.85
CA THR A 36 17.31 -5.35 -8.16
C THR A 36 17.48 -6.49 -9.14
N GLY A 37 17.02 -6.24 -10.37
CA GLY A 37 17.19 -7.13 -11.46
C GLY A 37 16.59 -8.49 -11.18
N ASP A 38 17.35 -9.53 -11.50
CA ASP A 38 16.99 -10.92 -11.29
C ASP A 38 16.62 -11.29 -9.86
N GLU A 39 17.03 -10.48 -8.89
CA GLU A 39 16.78 -10.75 -7.50
C GLU A 39 15.39 -10.31 -7.10
N ILE A 40 14.70 -9.56 -7.95
CA ILE A 40 13.36 -9.11 -7.60
C ILE A 40 12.35 -10.26 -7.83
N PRO A 41 11.59 -10.62 -6.78
CA PRO A 41 10.46 -11.52 -7.06
C PRO A 41 9.28 -10.78 -7.65
N HIS A 42 8.86 -11.20 -8.83
CA HIS A 42 7.68 -10.63 -9.44
C HIS A 42 7.04 -11.61 -10.41
N VAL A 43 5.72 -11.51 -10.48
CA VAL A 43 4.92 -12.32 -11.37
C VAL A 43 3.81 -11.46 -11.92
N LYS A 44 3.19 -11.92 -13.00
CA LYS A 44 2.05 -11.25 -13.56
C LYS A 44 0.76 -11.57 -12.83
N LYS A 45 -0.22 -10.67 -12.93
CA LYS A 45 -1.49 -10.88 -12.26
C LYS A 45 -2.29 -12.10 -12.76
N THR A 46 -1.99 -12.57 -13.95
CA THR A 46 -2.55 -13.83 -14.44
C THR A 46 -1.92 -15.09 -13.80
N ALA A 47 -0.81 -14.95 -13.07
CA ALA A 47 -0.11 -16.12 -12.55
C ALA A 47 -1.03 -16.92 -11.63
N SER A 48 -0.88 -18.24 -11.68
CA SER A 48 -1.39 -19.17 -10.67
C SER A 48 -0.88 -18.78 -9.28
N LEU A 49 -1.68 -19.03 -8.23
CA LEU A 49 -1.15 -18.91 -6.85
C LEU A 49 0.10 -19.78 -6.69
N ARG A 50 0.03 -20.98 -7.21
CA ARG A 50 1.14 -21.92 -7.12
C ARG A 50 2.40 -21.36 -7.79
N ASP A 51 2.26 -20.82 -9.00
CA ASP A 51 3.37 -20.15 -9.68
C ASP A 51 3.88 -18.94 -8.91
N ALA A 52 2.97 -18.15 -8.34
CA ALA A 52 3.43 -17.01 -7.55
C ALA A 52 4.27 -17.49 -6.36
N LEU A 53 3.82 -18.56 -5.71
CA LEU A 53 4.53 -19.11 -4.55
C LEU A 53 5.89 -19.65 -4.95
N LEU A 54 5.98 -20.25 -6.14
CA LEU A 54 7.28 -20.73 -6.65
C LEU A 54 8.26 -19.56 -6.78
N GLU A 55 7.76 -18.42 -7.24
CA GLU A 55 8.59 -17.22 -7.34
C GLU A 55 8.98 -16.72 -5.96
N VAL A 56 8.05 -16.70 -5.01
CA VAL A 56 8.37 -16.24 -3.64
C VAL A 56 9.55 -17.07 -3.10
N THR A 57 9.42 -18.41 -3.24
CA THR A 57 10.45 -19.35 -2.78
C THR A 57 11.80 -19.11 -3.46
N ARG A 58 11.74 -19.04 -4.78
CA ARG A 58 12.92 -18.77 -5.60
C ARG A 58 13.76 -17.59 -5.09
N LYS A 59 13.13 -16.46 -4.76
CA LYS A 59 13.90 -15.24 -4.53
C LYS A 59 14.18 -14.96 -3.06
N ASN A 60 13.60 -15.77 -2.15
CA ASN A 60 13.99 -15.73 -0.73
C ASN A 60 13.73 -14.47 0.05
N LEU A 61 12.71 -13.70 -0.32
CA LEU A 61 12.42 -12.49 0.39
C LEU A 61 11.11 -12.59 1.12
N GLY A 62 10.43 -13.72 1.02
CA GLY A 62 9.19 -13.90 1.76
C GLY A 62 7.99 -13.20 1.15
N MSE A 63 8.16 -12.64 -0.05
N MSE A 63 8.14 -12.77 -0.10
CA MSE A 63 7.07 -11.98 -0.75
CA MSE A 63 7.12 -11.98 -0.77
C MSE A 63 7.36 -11.95 -2.26
C MSE A 63 7.37 -11.98 -2.28
O MSE A 63 8.47 -12.23 -2.68
O MSE A 63 8.46 -12.29 -2.73
CB MSE A 63 6.85 -10.53 -0.24
CB MSE A 63 7.21 -10.55 -0.26
CG MSE A 63 8.06 -9.58 -0.43
CG MSE A 63 8.59 -9.93 -0.48
SE MSE A 63 7.64 -7.64 -0.34
SE MSE A 63 8.71 -8.94 -2.16
CE MSE A 63 6.99 -7.50 -2.19
CE MSE A 63 8.26 -7.17 -1.50
N THR A 64 6.32 -11.64 -3.04
CA THR A 64 6.46 -11.33 -4.45
C THR A 64 5.66 -10.07 -4.78
N VAL A 65 6.15 -9.32 -5.75
CA VAL A 65 5.40 -8.24 -6.38
C VAL A 65 4.56 -8.84 -7.52
N ILE A 66 3.43 -8.23 -7.78
CA ILE A 66 2.65 -8.54 -8.95
C ILE A 66 2.75 -7.32 -9.83
N CYS A 67 3.32 -7.49 -11.01
CA CYS A 67 3.51 -6.36 -11.92
C CYS A 67 3.54 -6.86 -13.35
N ASP A 68 3.48 -5.92 -14.28
CA ASP A 68 3.48 -6.26 -15.70
C ASP A 68 4.94 -6.31 -16.13
N ASP A 69 5.17 -6.66 -17.39
CA ASP A 69 6.51 -6.72 -17.92
C ASP A 69 7.24 -5.40 -17.92
N ASN A 70 6.51 -4.27 -17.84
CA ASN A 70 7.16 -2.98 -17.73
C ASN A 70 7.40 -2.61 -16.28
N MSE A 71 7.28 -3.56 -15.37
CA MSE A 71 7.54 -3.33 -13.95
C MSE A 71 6.57 -2.29 -13.32
O MSE A 71 6.93 -1.63 -12.37
CB MSE A 71 9.00 -2.92 -13.68
CG MSE A 71 10.06 -3.78 -14.36
SE MSE A 71 9.84 -5.69 -13.96
CE MSE A 71 10.25 -5.70 -12.04
N MSE A 72 5.37 -2.16 -13.89
N MSE A 72 5.36 -2.17 -13.88
CA MSE A 72 4.33 -1.32 -13.30
CA MSE A 72 4.30 -1.35 -13.29
C MSE A 72 3.59 -2.15 -12.22
C MSE A 72 3.59 -2.16 -12.22
O MSE A 72 3.00 -3.17 -12.52
O MSE A 72 3.01 -3.20 -12.50
CB MSE A 72 3.38 -0.82 -14.36
CB MSE A 72 3.29 -0.92 -14.36
CG MSE A 72 4.05 0.04 -15.44
CG MSE A 72 2.18 0.00 -13.82
SE MSE A 72 5.17 1.47 -14.70
SE MSE A 72 0.67 0.12 -15.07
CE MSE A 72 3.77 2.58 -13.96
CE MSE A 72 -0.10 -1.67 -14.74
N ILE A 73 3.60 -1.65 -10.99
CA ILE A 73 3.10 -2.41 -9.82
C ILE A 73 1.57 -2.53 -9.78
N GLU A 74 1.08 -3.76 -9.60
CA GLU A 74 -0.35 -4.04 -9.48
C GLU A 74 -0.68 -4.51 -8.08
N GLY A 75 0.25 -5.22 -7.44
CA GLY A 75 0.01 -5.67 -6.09
C GLY A 75 1.21 -6.34 -5.49
N ILE A 76 1.02 -6.88 -4.29
CA ILE A 76 2.05 -7.59 -3.58
C ILE A 76 1.38 -8.76 -2.87
N PHE A 77 2.19 -9.75 -2.54
CA PHE A 77 1.69 -10.90 -1.82
C PHE A 77 2.80 -11.42 -0.95
N THR A 78 2.52 -11.51 0.34
CA THR A 78 3.50 -11.95 1.29
C THR A 78 3.12 -13.32 1.85
N ASP A 79 4.06 -13.95 2.54
CA ASP A 79 3.80 -15.19 3.24
C ASP A 79 2.63 -15.02 4.26
N GLY A 80 2.62 -13.91 4.98
CA GLY A 80 1.48 -13.63 5.85
C GLY A 80 0.16 -13.62 5.12
N ASP A 81 0.15 -13.05 3.91
CA ASP A 81 -1.06 -13.03 3.09
C ASP A 81 -1.55 -14.42 2.77
N LEU A 82 -0.65 -15.39 2.68
CA LEU A 82 -1.06 -16.76 2.35
C LEU A 82 -1.81 -17.34 3.51
N ARG A 83 -1.30 -17.09 4.72
CA ARG A 83 -2.02 -17.44 5.93
C ARG A 83 -3.40 -16.77 5.92
N ARG A 84 -3.45 -15.47 5.67
CA ARG A 84 -4.74 -14.76 5.60
C ARG A 84 -5.72 -15.39 4.59
N VAL A 85 -5.23 -15.88 3.44
CA VAL A 85 -6.07 -16.59 2.45
C VAL A 85 -6.75 -17.81 3.02
N PHE A 86 -6.07 -18.48 3.93
CA PHE A 86 -6.60 -19.72 4.52
C PHE A 86 -7.94 -19.61 5.23
N ASP A 87 -8.48 -18.40 5.39
CA ASP A 87 -9.88 -18.21 5.81
C ASP A 87 -10.91 -18.71 4.77
N ARG A 94 -7.75 -23.45 -5.64
CA ARG A 94 -6.89 -23.17 -6.79
C ARG A 94 -7.28 -21.87 -7.52
N LEU A 95 -6.54 -20.80 -7.21
CA LEU A 95 -6.87 -19.43 -7.57
C LEU A 95 -5.73 -18.83 -8.38
N SER A 96 -5.95 -17.64 -8.93
CA SER A 96 -4.88 -16.83 -9.55
C SER A 96 -4.31 -15.91 -8.48
N ILE A 97 -3.09 -15.40 -8.67
CA ILE A 97 -2.49 -14.49 -7.69
C ILE A 97 -3.31 -13.18 -7.54
N ALA A 98 -3.99 -12.77 -8.61
CA ALA A 98 -4.84 -11.57 -8.59
C ALA A 98 -5.96 -11.74 -7.58
N ASP A 99 -6.48 -12.96 -7.49
CA ASP A 99 -7.57 -13.27 -6.56
C ASP A 99 -7.20 -13.05 -5.10
N VAL A 100 -5.92 -13.10 -4.75
CA VAL A 100 -5.52 -13.05 -3.34
C VAL A 100 -4.50 -11.98 -2.98
N MSE A 101 -3.99 -11.24 -3.96
CA MSE A 101 -2.95 -10.26 -3.66
C MSE A 101 -3.47 -9.08 -2.86
O MSE A 101 -4.64 -8.83 -2.83
CB MSE A 101 -2.34 -9.73 -4.96
CG MSE A 101 -3.29 -8.83 -5.76
SE MSE A 101 -2.50 -8.39 -7.50
CE MSE A 101 -4.02 -7.38 -8.22
N THR A 102 -2.57 -8.35 -2.22
CA THR A 102 -2.87 -7.02 -1.78
C THR A 102 -2.71 -6.05 -3.00
N PRO A 103 -3.82 -5.49 -3.52
CA PRO A 103 -3.65 -4.57 -4.66
C PRO A 103 -3.04 -3.24 -4.27
N GLY A 104 -2.17 -2.72 -5.10
CA GLY A 104 -1.36 -1.61 -4.73
C GLY A 104 -0.28 -2.17 -3.85
N GLY A 105 -0.16 -1.65 -2.61
CA GLY A 105 0.84 -2.12 -1.67
C GLY A 105 1.73 -1.04 -1.10
N ILE A 106 2.28 -1.25 0.08
CA ILE A 106 3.20 -0.26 0.71
C ILE A 106 4.46 -0.31 -0.05
N ARG A 107 5.14 0.83 -0.17
CA ARG A 107 6.39 0.88 -0.90
C ARG A 107 7.20 2.08 -0.41
N VAL A 108 8.48 2.17 -0.77
CA VAL A 108 9.24 3.35 -0.42
C VAL A 108 9.94 3.87 -1.63
N ARG A 109 10.36 5.13 -1.57
N ARG A 109 10.34 5.14 -1.56
CA ARG A 109 11.16 5.68 -2.64
CA ARG A 109 11.19 5.74 -2.57
C ARG A 109 12.65 5.32 -2.48
C ARG A 109 12.64 5.21 -2.48
N PRO A 110 13.39 5.24 -3.58
CA PRO A 110 14.78 4.77 -3.57
C PRO A 110 15.76 5.67 -2.81
N GLY A 111 15.42 6.97 -2.71
CA GLY A 111 16.22 7.94 -1.98
C GLY A 111 16.03 7.96 -0.46
N ILE A 112 15.11 7.17 0.10
CA ILE A 112 14.98 7.20 1.55
C ILE A 112 16.15 6.49 2.21
N LEU A 113 16.42 6.86 3.45
CA LEU A 113 17.53 6.26 4.18
C LEU A 113 17.15 4.89 4.74
N ALA A 114 18.16 4.05 4.91
CA ALA A 114 18.00 2.77 5.53
C ALA A 114 17.26 2.88 6.87
N VAL A 115 17.66 3.85 7.70
CA VAL A 115 17.04 4.05 9.00
C VAL A 115 15.57 4.43 8.90
N GLU A 116 15.21 5.21 7.88
CA GLU A 116 13.83 5.62 7.66
C GLU A 116 13.00 4.40 7.21
N ALA A 117 13.58 3.60 6.33
CA ALA A 117 12.93 2.38 5.85
C ALA A 117 12.71 1.44 7.05
N LEU A 118 13.71 1.30 7.90
CA LEU A 118 13.60 0.43 9.07
C LEU A 118 12.47 0.88 10.03
N ASN A 119 12.39 2.18 10.23
CA ASN A 119 11.34 2.78 11.03
C ASN A 119 9.95 2.52 10.51
N LEU A 120 9.75 2.77 9.23
CA LEU A 120 8.48 2.44 8.59
C LEU A 120 8.12 0.94 8.72
N MSE A 121 9.09 0.07 8.44
CA MSE A 121 8.83 -1.36 8.49
C MSE A 121 8.47 -1.82 9.90
O MSE A 121 7.52 -2.58 10.07
CB MSE A 121 10.07 -2.15 8.00
CG MSE A 121 10.22 -2.05 6.52
SE MSE A 121 11.78 -3.07 5.92
CE MSE A 121 12.83 -1.58 5.83
N GLN A 122 9.18 -1.33 10.90
CA GLN A 122 8.88 -1.61 12.28
C GLN A 122 7.47 -1.18 12.64
N SER A 123 7.15 0.07 12.36
CA SER A 123 5.86 0.61 12.75
C SER A 123 4.71 -0.09 12.04
N ARG A 124 4.96 -0.61 10.83
CA ARG A 124 3.91 -1.33 10.08
C ARG A 124 3.96 -2.83 10.29
N HIS A 125 4.91 -3.28 11.12
N HIS A 125 4.91 -3.29 11.08
CA HIS A 125 5.15 -4.67 11.36
CA HIS A 125 5.10 -4.70 11.35
C HIS A 125 5.26 -5.46 10.07
C HIS A 125 5.28 -5.49 10.06
N ILE A 126 6.18 -5.04 9.19
CA ILE A 126 6.53 -5.77 7.96
C ILE A 126 8.05 -5.95 7.91
N THR A 127 8.49 -6.91 7.11
CA THR A 127 9.91 -7.31 7.06
C THR A 127 10.51 -7.14 5.65
N SER A 128 9.70 -6.68 4.72
CA SER A 128 10.10 -6.44 3.32
C SER A 128 9.32 -5.32 2.83
N VAL A 129 9.86 -4.61 1.85
CA VAL A 129 9.11 -3.56 1.22
C VAL A 129 9.59 -3.32 -0.24
N MSE A 130 8.67 -2.90 -1.10
CA MSE A 130 8.94 -2.59 -2.49
C MSE A 130 9.55 -1.22 -2.51
O MSE A 130 9.16 -0.35 -1.72
CB MSE A 130 7.65 -2.50 -3.31
CG MSE A 130 6.88 -3.76 -3.42
SE MSE A 130 5.47 -3.46 -4.66
CE MSE A 130 4.17 -2.51 -3.55
N VAL A 131 10.44 -1.02 -3.47
CA VAL A 131 11.05 0.26 -3.73
C VAL A 131 10.60 0.66 -5.14
N ALA A 132 10.01 1.85 -5.25
CA ALA A 132 9.30 2.28 -6.47
C ALA A 132 9.42 3.77 -6.66
N ASP A 133 9.38 4.17 -7.92
CA ASP A 133 9.17 5.51 -8.30
C ASP A 133 7.75 5.53 -8.84
N GLY A 134 6.82 5.93 -7.98
CA GLY A 134 5.40 5.91 -8.30
C GLY A 134 4.94 4.47 -8.38
N ASP A 135 4.42 4.07 -9.54
CA ASP A 135 4.01 2.70 -9.74
C ASP A 135 5.08 1.91 -10.49
N HIS A 136 6.25 2.49 -10.67
CA HIS A 136 7.35 1.79 -11.33
C HIS A 136 8.30 1.11 -10.32
N LEU A 137 8.27 -0.22 -10.31
CA LEU A 137 9.10 -1.00 -9.40
C LEU A 137 10.57 -0.91 -9.73
N LEU A 138 11.38 -0.61 -8.72
CA LEU A 138 12.83 -0.51 -8.88
C LEU A 138 13.58 -1.62 -8.14
N GLY A 139 12.99 -2.18 -7.10
CA GLY A 139 13.76 -3.11 -6.28
C GLY A 139 12.91 -3.54 -5.11
N VAL A 140 13.43 -4.46 -4.31
CA VAL A 140 12.75 -4.90 -3.09
C VAL A 140 13.78 -4.90 -1.98
N LEU A 141 13.37 -4.45 -0.81
CA LEU A 141 14.27 -4.35 0.33
C LEU A 141 13.74 -5.25 1.43
N HIS A 142 14.61 -6.02 2.06
CA HIS A 142 14.26 -6.83 3.21
C HIS A 142 14.95 -6.31 4.46
N MSE A 143 14.28 -6.49 5.59
CA MSE A 143 14.84 -6.06 6.86
C MSE A 143 16.28 -6.59 7.05
O MSE A 143 17.19 -5.85 7.50
CB MSE A 143 13.88 -6.49 7.99
CG MSE A 143 14.30 -5.93 9.33
SE MSE A 143 12.92 -6.17 10.63
CE MSE A 143 11.80 -4.58 10.26
N HIS A 144 16.51 -7.83 6.63
CA HIS A 144 17.83 -8.44 6.74
C HIS A 144 18.91 -7.68 5.97
N ASP A 145 18.59 -7.12 4.82
CA ASP A 145 19.53 -6.26 4.08
C ASP A 145 19.97 -5.07 4.95
N LEU A 146 19.07 -4.59 5.79
CA LEU A 146 19.37 -3.44 6.64
C LEU A 146 20.30 -3.79 7.77
N LEU A 147 20.59 -5.09 7.98
CA LEU A 147 21.86 -5.59 8.60
C LEU A 147 22.29 -4.87 9.86
N GLY B 23 -25.98 -6.54 2.28
CA GLY B 23 -27.12 -7.40 1.89
C GLY B 23 -27.25 -7.47 0.39
N ARG B 24 -28.10 -6.61 -0.20
CA ARG B 24 -28.12 -6.45 -1.66
C ARG B 24 -26.94 -5.60 -2.14
N LYS B 25 -26.40 -4.78 -1.23
CA LYS B 25 -25.28 -3.89 -1.55
C LYS B 25 -24.02 -4.63 -1.95
N LEU B 26 -23.78 -5.77 -1.29
CA LEU B 26 -22.59 -6.59 -1.53
C LEU B 26 -22.41 -6.99 -2.99
N LEU B 27 -23.53 -7.10 -3.71
CA LEU B 27 -23.50 -7.48 -5.12
C LEU B 27 -23.33 -6.28 -6.05
N LEU B 28 -23.26 -5.07 -5.51
CA LEU B 28 -23.03 -3.89 -6.35
C LEU B 28 -21.54 -3.67 -6.60
N ARG B 29 -21.21 -3.00 -7.71
CA ARG B 29 -19.82 -2.58 -7.96
C ARG B 29 -19.38 -1.45 -7.01
N VAL B 30 -18.11 -1.49 -6.61
CA VAL B 30 -17.55 -0.52 -5.66
C VAL B 30 -17.80 0.91 -6.13
N ASN B 31 -17.69 1.10 -7.44
CA ASN B 31 -17.93 2.40 -8.08
C ASN B 31 -19.18 3.10 -7.59
N ASP B 32 -20.24 2.34 -7.33
CA ASP B 32 -21.55 2.92 -7.05
C ASP B 32 -21.69 3.36 -5.58
N ILE B 33 -20.95 2.70 -4.70
CA ILE B 33 -21.02 2.91 -3.26
C ILE B 33 -20.00 3.92 -2.77
N MSE B 34 -18.90 4.06 -3.48
CA MSE B 34 -17.73 4.79 -2.97
C MSE B 34 -18.02 6.28 -2.77
O MSE B 34 -18.86 6.85 -3.45
CB MSE B 34 -16.54 4.65 -3.91
CG MSE B 34 -16.80 5.21 -5.29
SE MSE B 34 -15.28 4.89 -6.45
CE MSE B 34 -15.75 6.08 -7.91
N HIS B 35 -17.32 6.88 -1.82
CA HIS B 35 -17.36 8.32 -1.66
C HIS B 35 -16.51 8.94 -2.74
N THR B 36 -17.06 9.95 -3.41
CA THR B 36 -16.36 10.67 -4.46
C THR B 36 -16.42 12.17 -4.20
N GLY B 37 -15.64 12.91 -4.98
CA GLY B 37 -15.67 14.35 -4.97
C GLY B 37 -15.28 14.94 -3.63
N ASP B 38 -16.12 15.84 -3.13
CA ASP B 38 -15.83 16.61 -1.90
C ASP B 38 -15.75 15.70 -0.69
N GLU B 39 -16.39 14.54 -0.75
CA GLU B 39 -16.37 13.57 0.32
C GLU B 39 -15.04 12.80 0.45
N ILE B 40 -14.17 12.84 -0.57
CA ILE B 40 -12.85 12.22 -0.47
C ILE B 40 -11.95 13.06 0.47
N PRO B 41 -11.40 12.44 1.52
CA PRO B 41 -10.36 13.13 2.27
C PRO B 41 -9.03 13.01 1.56
N HIS B 42 -8.39 14.13 1.27
CA HIS B 42 -7.08 14.11 0.67
C HIS B 42 -6.33 15.37 0.94
N VAL B 43 -5.02 15.24 1.07
CA VAL B 43 -4.14 16.36 1.31
C VAL B 43 -2.88 16.11 0.51
N LYS B 44 -2.06 17.16 0.35
CA LYS B 44 -0.80 17.07 -0.38
C LYS B 44 0.34 16.55 0.48
N LYS B 45 1.37 16.02 -0.17
CA LYS B 45 2.46 15.37 0.56
C LYS B 45 3.21 16.36 1.43
N THR B 46 3.16 17.64 1.06
CA THR B 46 3.78 18.69 1.85
C THR B 46 2.88 19.18 2.99
N ALA B 47 1.66 18.63 3.11
CA ALA B 47 0.76 19.04 4.18
C ALA B 47 1.36 18.72 5.53
N SER B 48 1.12 19.59 6.48
CA SER B 48 1.45 19.38 7.88
C SER B 48 0.63 18.21 8.46
N LEU B 49 1.16 17.53 9.47
CA LEU B 49 0.40 16.47 10.15
C LEU B 49 -0.90 17.06 10.67
N ARG B 50 -0.79 18.20 11.36
N ARG B 50 -0.81 18.20 11.37
CA ARG B 50 -1.94 18.97 11.85
CA ARG B 50 -1.99 18.92 11.86
C ARG B 50 -3.01 19.13 10.77
C ARG B 50 -3.03 19.10 10.76
N ASP B 51 -2.59 19.64 9.62
CA ASP B 51 -3.48 19.89 8.50
C ASP B 51 -4.06 18.57 8.00
N ALA B 52 -3.24 17.54 7.94
CA ALA B 52 -3.70 16.23 7.56
C ALA B 52 -4.81 15.76 8.51
N LEU B 53 -4.57 15.91 9.82
CA LEU B 53 -5.53 15.43 10.79
C LEU B 53 -6.85 16.21 10.70
N LEU B 54 -6.79 17.50 10.33
CA LEU B 54 -8.00 18.31 10.16
C LEU B 54 -8.87 17.74 9.02
N GLU B 55 -8.22 17.34 7.93
CA GLU B 55 -8.93 16.71 6.82
C GLU B 55 -9.51 15.35 7.21
N VAL B 56 -8.74 14.54 7.96
CA VAL B 56 -9.25 13.26 8.45
C VAL B 56 -10.55 13.50 9.22
N THR B 57 -10.50 14.42 10.16
CA THR B 57 -11.69 14.78 10.95
C THR B 57 -12.86 15.28 10.08
N ARG B 58 -12.60 16.29 9.23
CA ARG B 58 -13.64 16.83 8.31
C ARG B 58 -14.47 15.75 7.65
N LYS B 59 -13.77 14.73 7.12
CA LYS B 59 -14.39 13.81 6.18
C LYS B 59 -14.91 12.52 6.80
N ASN B 60 -14.65 12.28 8.10
CA ASN B 60 -15.37 11.23 8.82
C ASN B 60 -15.10 9.78 8.41
N LEU B 61 -13.99 9.52 7.72
CA LEU B 61 -13.65 8.17 7.32
C LEU B 61 -12.44 7.61 8.05
N GLY B 62 -11.90 8.38 9.00
CA GLY B 62 -10.79 7.92 9.84
C GLY B 62 -9.51 7.67 9.04
N MSE B 63 -9.31 8.44 8.01
CA MSE B 63 -8.25 8.23 7.07
C MSE B 63 -8.17 9.47 6.16
O MSE B 63 -9.16 10.15 5.99
CB MSE B 63 -8.60 6.92 6.32
CG MSE B 63 -8.14 6.74 5.00
SE MSE B 63 -9.30 7.52 3.67
CE MSE B 63 -8.51 6.46 2.26
N THR B 64 -6.98 9.76 5.61
CA THR B 64 -6.83 10.65 4.44
C THR B 64 -5.89 10.04 3.38
N VAL B 65 -6.16 10.36 2.10
CA VAL B 65 -5.26 10.01 1.02
C VAL B 65 -4.27 11.15 0.97
N ILE B 66 -3.04 10.86 0.55
CA ILE B 66 -2.08 11.86 0.26
C ILE B 66 -1.86 11.76 -1.26
N CYS B 67 -2.16 12.84 -1.97
CA CYS B 67 -2.06 12.82 -3.44
C CYS B 67 -1.85 14.25 -3.92
N ASP B 68 -1.34 14.39 -5.15
CA ASP B 68 -1.13 15.73 -5.73
C ASP B 68 -2.44 16.34 -6.25
N ASP B 69 -2.34 17.48 -6.93
CA ASP B 69 -3.52 18.16 -7.47
C ASP B 69 -4.21 17.41 -8.61
N ASN B 70 -3.46 16.55 -9.30
CA ASN B 70 -4.02 15.65 -10.30
C ASN B 70 -4.65 14.37 -9.74
N MSE B 71 -4.83 14.31 -8.41
N MSE B 71 -4.82 14.33 -8.41
CA MSE B 71 -5.41 13.14 -7.75
CA MSE B 71 -5.32 13.15 -7.71
C MSE B 71 -4.54 11.89 -7.92
C MSE B 71 -4.47 11.91 -8.01
O MSE B 71 -5.03 10.77 -7.85
O MSE B 71 -4.98 10.81 -8.10
CB MSE B 71 -6.83 12.86 -8.27
CB MSE B 71 -6.80 12.89 -8.03
CG MSE B 71 -7.74 14.08 -8.30
CG MSE B 71 -7.74 14.06 -7.68
SE MSE B 71 -7.98 14.87 -6.54
SE MSE B 71 -7.81 14.48 -5.78
CE MSE B 71 -6.33 15.88 -6.37
CE MSE B 71 -9.11 13.16 -5.22
N MSE B 72 -3.24 12.10 -8.14
N MSE B 72 -3.16 12.12 -8.15
CA MSE B 72 -2.30 10.98 -8.25
CA MSE B 72 -2.21 11.01 -8.25
C MSE B 72 -1.82 10.54 -6.86
C MSE B 72 -1.82 10.54 -6.84
O MSE B 72 -1.19 11.31 -6.13
O MSE B 72 -1.21 11.31 -6.07
CB MSE B 72 -1.13 11.40 -9.12
CB MSE B 72 -0.94 11.45 -8.96
CG MSE B 72 -1.57 11.84 -10.51
CG MSE B 72 -0.02 10.29 -9.32
SE MSE B 72 -2.51 10.41 -11.45
SE MSE B 72 1.73 10.97 -9.87
CE MSE B 72 -0.97 9.40 -12.11
CE MSE B 72 2.16 11.90 -8.19
N ILE B 73 -2.14 9.30 -6.52
CA ILE B 73 -1.95 8.79 -5.16
C ILE B 73 -0.49 8.67 -4.76
N GLU B 74 -0.12 9.29 -3.64
CA GLU B 74 1.21 9.11 -3.07
C GLU B 74 1.19 8.16 -1.82
N GLY B 75 0.11 8.19 -1.07
CA GLY B 75 0.04 7.37 0.14
C GLY B 75 -1.26 7.52 0.86
N ILE B 76 -1.34 6.89 2.02
CA ILE B 76 -2.54 6.86 2.83
C ILE B 76 -2.12 7.05 4.30
N PHE B 77 -2.94 7.74 5.09
CA PHE B 77 -2.69 7.90 6.53
C PHE B 77 -3.99 7.66 7.29
N THR B 78 -3.96 6.71 8.22
CA THR B 78 -5.12 6.32 8.99
C THR B 78 -4.95 6.76 10.44
N ASP B 79 -6.04 6.68 11.20
CA ASP B 79 -5.98 6.94 12.63
C ASP B 79 -5.04 5.94 13.32
N GLY B 80 -5.05 4.70 12.86
CA GLY B 80 -4.09 3.70 13.33
C GLY B 80 -2.64 4.17 13.12
N ASP B 81 -2.36 4.74 11.96
CA ASP B 81 -1.02 5.27 11.67
C ASP B 81 -0.61 6.36 12.65
N LEU B 82 -1.55 7.19 13.08
CA LEU B 82 -1.25 8.14 14.13
C LEU B 82 -0.77 7.48 15.41
N ARG B 83 -1.45 6.42 15.84
CA ARG B 83 -0.99 5.70 17.00
C ARG B 83 0.42 5.15 16.75
N ARG B 84 0.63 4.61 15.56
CA ARG B 84 1.93 4.03 15.23
C ARG B 84 3.06 5.10 15.25
N VAL B 85 2.72 6.33 14.90
CA VAL B 85 3.68 7.42 14.97
C VAL B 85 4.16 7.62 16.39
N PHE B 86 3.22 7.75 17.32
CA PHE B 86 3.54 7.91 18.76
C PHE B 86 4.43 6.81 19.26
N ASP B 87 4.05 5.59 18.91
CA ASP B 87 4.72 4.38 19.38
C ASP B 87 6.13 4.40 18.89
N MSE B 88 6.31 4.41 17.57
CA MSE B 88 7.61 4.17 16.94
C MSE B 88 8.04 5.35 16.07
O MSE B 88 7.78 5.38 14.86
CB MSE B 88 7.53 2.88 16.10
N VAL B 92 5.80 13.89 17.80
CA VAL B 92 6.62 15.07 17.50
C VAL B 92 5.83 15.96 16.53
N ARG B 93 6.21 17.25 16.44
CA ARG B 93 5.32 18.28 15.89
C ARG B 93 5.86 19.15 14.75
N ARG B 94 7.05 18.86 14.21
CA ARG B 94 7.48 19.55 12.99
C ARG B 94 7.42 18.58 11.80
N LEU B 95 6.52 17.59 11.92
CA LEU B 95 6.43 16.53 10.94
C LEU B 95 5.48 16.93 9.86
N SER B 96 5.81 16.59 8.62
CA SER B 96 4.83 16.66 7.54
C SER B 96 4.17 15.30 7.40
N ILE B 97 3.04 15.26 6.69
CA ILE B 97 2.29 14.01 6.51
C ILE B 97 3.14 12.96 5.75
N ALA B 98 4.03 13.45 4.87
CA ALA B 98 4.93 12.57 4.11
C ALA B 98 5.75 11.65 5.00
N ASP B 99 6.31 12.22 6.06
CA ASP B 99 7.15 11.49 7.02
C ASP B 99 6.47 10.34 7.74
N VAL B 100 5.15 10.36 7.81
CA VAL B 100 4.43 9.39 8.62
C VAL B 100 3.42 8.55 7.86
N MSE B 101 3.16 8.85 6.61
CA MSE B 101 2.17 8.08 5.83
C MSE B 101 2.66 6.68 5.48
O MSE B 101 3.83 6.40 5.55
CB MSE B 101 1.83 8.82 4.53
CG MSE B 101 2.90 8.75 3.47
SE MSE B 101 2.54 9.90 1.96
CE MSE B 101 4.21 9.54 0.94
N THR B 102 1.72 5.82 5.12
CA THR B 102 2.00 4.57 4.44
C THR B 102 2.11 4.96 2.96
N PRO B 103 3.33 4.96 2.40
CA PRO B 103 3.43 5.28 0.97
C PRO B 103 2.83 4.16 0.09
N GLY B 104 2.14 4.54 -0.99
CA GLY B 104 1.47 3.56 -1.85
C GLY B 104 0.06 3.21 -1.40
N GLY B 105 -0.06 2.34 -0.42
CA GLY B 105 -1.36 2.02 0.18
C GLY B 105 -2.20 1.02 -0.63
N ILE B 106 -3.25 0.50 -0.01
CA ILE B 106 -4.05 -0.55 -0.60
C ILE B 106 -5.20 0.07 -1.31
N ARG B 107 -5.46 -0.42 -2.52
CA ARG B 107 -6.48 0.18 -3.39
C ARG B 107 -7.21 -0.91 -4.13
N VAL B 108 -8.47 -0.64 -4.49
CA VAL B 108 -9.25 -1.54 -5.32
C VAL B 108 -9.65 -0.85 -6.62
N ARG B 109 -9.96 -1.63 -7.64
N ARG B 109 -9.95 -1.63 -7.65
CA ARG B 109 -10.48 -1.08 -8.87
CA ARG B 109 -10.49 -1.05 -8.86
C ARG B 109 -11.97 -0.79 -8.68
C ARG B 109 -11.97 -0.77 -8.65
N PRO B 110 -12.51 0.21 -9.38
CA PRO B 110 -13.92 0.56 -9.25
C PRO B 110 -14.90 -0.54 -9.69
N GLY B 111 -14.43 -1.43 -10.57
CA GLY B 111 -15.26 -2.49 -11.11
C GLY B 111 -15.48 -3.71 -10.21
N ILE B 112 -14.69 -3.88 -9.15
CA ILE B 112 -14.88 -5.07 -8.30
C ILE B 112 -16.20 -4.97 -7.51
N LEU B 113 -16.78 -6.12 -7.17
CA LEU B 113 -18.00 -6.16 -6.39
C LEU B 113 -17.69 -5.79 -4.94
N ALA B 114 -18.69 -5.25 -4.26
CA ALA B 114 -18.58 -4.88 -2.84
C ALA B 114 -18.15 -6.05 -1.95
N VAL B 115 -18.73 -7.23 -2.20
CA VAL B 115 -18.34 -8.41 -1.43
C VAL B 115 -16.82 -8.72 -1.59
N GLU B 116 -16.25 -8.49 -2.78
CA GLU B 116 -14.80 -8.67 -3.00
C GLU B 116 -14.01 -7.71 -2.15
N ALA B 117 -14.44 -6.45 -2.14
CA ALA B 117 -13.81 -5.40 -1.32
C ALA B 117 -13.93 -5.72 0.16
N LEU B 118 -15.09 -6.23 0.55
CA LEU B 118 -15.30 -6.59 1.95
C LEU B 118 -14.34 -7.69 2.37
N ASN B 119 -14.26 -8.73 1.56
CA ASN B 119 -13.33 -9.83 1.81
C ASN B 119 -11.89 -9.35 1.98
N LEU B 120 -11.49 -8.42 1.10
CA LEU B 120 -10.14 -7.84 1.14
C LEU B 120 -9.92 -7.12 2.45
N MSE B 121 -10.86 -6.25 2.80
CA MSE B 121 -10.75 -5.52 4.05
C MSE B 121 -10.76 -6.41 5.29
O MSE B 121 -10.04 -6.14 6.24
CB MSE B 121 -11.89 -4.50 4.15
CG MSE B 121 -11.73 -3.32 3.23
SE MSE B 121 -13.22 -2.03 3.53
CE MSE B 121 -14.51 -2.73 2.24
N GLN B 122 -11.57 -7.48 5.28
CA GLN B 122 -11.58 -8.40 6.41
C GLN B 122 -10.24 -9.11 6.53
N SER B 123 -9.70 -9.57 5.41
CA SER B 123 -8.47 -10.37 5.47
C SER B 123 -7.26 -9.50 5.88
N ARG B 124 -7.28 -8.22 5.51
CA ARG B 124 -6.18 -7.30 5.81
C ARG B 124 -6.40 -6.55 7.11
N HIS B 125 -7.53 -6.82 7.76
CA HIS B 125 -7.90 -6.11 8.97
C HIS B 125 -7.88 -4.59 8.77
N ILE B 126 -8.44 -4.11 7.67
CA ILE B 126 -8.52 -2.67 7.44
C ILE B 126 -10.00 -2.29 7.37
N THR B 127 -10.31 -1.00 7.51
CA THR B 127 -11.71 -0.56 7.49
C THR B 127 -12.00 0.39 6.34
N SER B 128 -11.01 0.60 5.46
CA SER B 128 -11.27 1.32 4.22
C SER B 128 -10.29 1.00 3.08
N VAL B 129 -10.72 1.31 1.88
CA VAL B 129 -9.88 1.14 0.73
C VAL B 129 -10.03 2.36 -0.18
N MSE B 130 -8.92 2.74 -0.80
CA MSE B 130 -8.92 3.74 -1.84
C MSE B 130 -9.42 3.03 -3.06
O MSE B 130 -9.23 1.83 -3.17
CB MSE B 130 -7.52 4.26 -2.09
CG MSE B 130 -7.00 5.08 -0.95
SE MSE B 130 -5.27 5.66 -1.42
CE MSE B 130 -4.37 3.97 -0.99
N VAL B 131 -10.09 3.77 -3.93
CA VAL B 131 -10.55 3.23 -5.19
C VAL B 131 -9.83 4.06 -6.25
N ALA B 132 -9.09 3.35 -7.10
CA ALA B 132 -8.09 3.96 -7.96
C ALA B 132 -8.08 3.28 -9.32
N ASP B 133 -7.73 4.02 -10.34
CA ASP B 133 -7.47 3.47 -11.65
C ASP B 133 -5.98 3.73 -11.81
N GLY B 134 -5.18 2.73 -11.52
CA GLY B 134 -3.73 2.90 -11.44
C GLY B 134 -3.41 3.79 -10.25
N ASP B 135 -2.64 4.85 -10.46
N ASP B 135 -2.68 4.87 -10.51
CA ASP B 135 -2.34 5.81 -9.38
CA ASP B 135 -2.30 5.86 -9.51
C ASP B 135 -3.29 7.01 -9.38
C ASP B 135 -3.39 6.90 -9.26
N HIS B 136 -4.40 6.93 -10.11
CA HIS B 136 -5.38 8.02 -10.13
C HIS B 136 -6.53 7.72 -9.16
N LEU B 137 -6.69 8.54 -8.12
CA LEU B 137 -7.73 8.31 -7.08
C LEU B 137 -9.14 8.59 -7.59
N LEU B 138 -10.05 7.63 -7.40
CA LEU B 138 -11.44 7.76 -7.85
C LEU B 138 -12.45 7.91 -6.70
N GLY B 139 -12.12 7.36 -5.55
CA GLY B 139 -13.03 7.41 -4.43
C GLY B 139 -12.42 6.68 -3.25
N VAL B 140 -13.14 6.72 -2.14
CA VAL B 140 -12.79 5.94 -0.96
C VAL B 140 -14.08 5.22 -0.55
N LEU B 141 -13.90 3.99 -0.08
CA LEU B 141 -14.97 3.12 0.31
C LEU B 141 -14.65 2.69 1.74
N HIS B 142 -15.64 2.81 2.62
CA HIS B 142 -15.48 2.49 4.02
C HIS B 142 -16.36 1.30 4.31
N MSE B 143 -15.94 0.51 5.28
CA MSE B 143 -16.68 -0.67 5.65
C MSE B 143 -18.12 -0.28 6.05
O MSE B 143 -19.08 -0.97 5.69
CB MSE B 143 -15.97 -1.39 6.77
CG MSE B 143 -16.21 -2.87 6.77
SE MSE B 143 -15.42 -3.64 8.37
CE MSE B 143 -14.06 -4.70 7.44
N HIS B 144 -18.28 0.83 6.78
CA HIS B 144 -19.61 1.33 7.17
C HIS B 144 -20.55 1.52 5.96
N ASP B 145 -20.02 1.97 4.81
CA ASP B 145 -20.85 2.14 3.59
C ASP B 145 -21.49 0.82 3.17
N LEU B 146 -20.83 -0.28 3.49
CA LEU B 146 -21.31 -1.59 3.11
C LEU B 146 -22.42 -2.14 4.03
N LEU B 147 -22.98 -1.33 4.93
CA LEU B 147 -24.12 -1.80 5.72
C LEU B 147 -25.31 -0.85 5.50
N ARG B 148 -25.15 0.40 5.94
CA ARG B 148 -25.97 1.54 5.53
C ARG B 148 -27.08 1.21 4.52
P AMP C . 2.96 -9.10 6.36
O1P AMP C . 2.16 -10.15 5.62
O2P AMP C . 4.61 -9.32 6.22
O3P AMP C . 2.67 -9.09 7.94
O5' AMP C . 2.57 -7.55 5.89
C5' AMP C . 1.34 -6.92 6.32
C4' AMP C . 0.52 -6.46 5.09
O4' AMP C . 1.29 -5.40 4.35
C3' AMP C . 0.22 -7.60 4.07
O3' AMP C . -1.19 -7.75 3.79
C2' AMP C . 0.99 -7.21 2.79
O2' AMP C . 0.29 -7.68 1.58
C1' AMP C . 1.02 -5.68 2.92
P AMP D . -5.24 0.55 10.08
O1P AMP D . -4.32 1.69 10.58
O2P AMP D . -6.75 1.00 9.76
O3P AMP D . -5.14 -0.65 11.15
O5' AMP D . -4.70 -0.15 8.66
C5' AMP D . -3.52 -1.03 8.74
C4' AMP D . -2.41 -0.50 7.80
O4' AMP D . -2.96 -0.56 6.44
C3' AMP D . -2.08 1.02 8.04
O3' AMP D . -0.67 1.23 8.14
C2' AMP D . -2.55 1.70 6.78
O2' AMP D . -1.75 2.88 6.49
C1' AMP D . -2.24 0.56 5.83
N9 AMP D . -2.82 0.65 4.49
C8 AMP D . -2.25 0.57 3.25
N7 AMP D . -3.29 0.66 2.40
C5 AMP D . -4.43 0.80 3.01
C6 AMP D . -5.79 0.94 2.72
N6 AMP D . -6.37 1.02 1.54
N1 AMP D . -6.62 1.04 3.76
C2 AMP D . -6.23 1.00 5.02
N3 AMP D . -4.99 0.86 5.37
C4 AMP D . -4.10 0.76 4.38
#